data_5Q1C
#
_entry.id   5Q1C
#
_cell.length_a   72.480
_cell.length_b   84.460
_cell.length_c   190.030
_cell.angle_alpha   90.000
_cell.angle_beta   90.000
_cell.angle_gamma   90.000
#
_symmetry.space_group_name_H-M   'C 2 2 21'
#
loop_
_entity.id
_entity.type
_entity.pdbx_description
1 polymer 'Bile acid receptor'
2 polymer 'COACTIVATOR PEPTIDE SRC-1 HD3'
3 non-polymer (2S)-2-cyclohexyl-2-[2-(2,6-dimethoxypyridin-3-yl)-5,6-difluoro-1H-benzimidazol-1-yl]-N-(trans-4-hydroxycyclohexyl)acetamide
4 water water
#
loop_
_entity_poly.entity_id
_entity_poly.type
_entity_poly.pdbx_seq_one_letter_code
_entity_poly.pdbx_strand_id
1 'polypeptide(L)'
;GSHMELTPDQQTLLHFIMDSYNKQRMPQEITNKILKEAFSAEENFLILTEMATNHVQVLVEFTKKLPGFQTLDHEDQIAL
LKGSAVEAMFLRSAEIFNKKLPSGHSDLLEARIRNSGISDEYITPMFSFYKSIGELKMTQEEYALLTAIVILSPDRQYIK
DREAVEKLQEPLLDVLQKLCKIHQPENPQHFACLLGRLTELRTFNHHHAEMLMSWRVNDHKFTPLLCEIWDVQ
;
A,C
2 'polypeptide(L)' KDHQLLRYLLDKDE B,D
#
# COMPACT_ATOMS: atom_id res chain seq x y z
N GLU A 5 35.79 -32.74 0.37
CA GLU A 5 34.77 -33.44 1.15
C GLU A 5 34.92 -33.17 2.67
N LEU A 6 33.79 -33.05 3.41
CA LEU A 6 33.80 -32.81 4.86
C LEU A 6 34.39 -34.00 5.63
N THR A 7 35.13 -33.73 6.71
CA THR A 7 35.75 -34.74 7.57
C THR A 7 34.71 -35.24 8.60
N PRO A 8 34.94 -36.35 9.35
CA PRO A 8 33.94 -36.77 10.36
C PRO A 8 33.66 -35.69 11.40
N ASP A 9 34.71 -34.92 11.79
CA ASP A 9 34.62 -33.82 12.75
C ASP A 9 33.79 -32.66 12.22
N GLN A 10 33.89 -32.37 10.90
CA GLN A 10 33.14 -31.28 10.26
C GLN A 10 31.68 -31.65 10.11
N GLN A 11 31.39 -32.92 9.75
CA GLN A 11 30.03 -33.45 9.63
C GLN A 11 29.34 -33.36 11.01
N THR A 12 30.07 -33.70 12.09
CA THR A 12 29.59 -33.64 13.47
C THR A 12 29.27 -32.19 13.83
N LEU A 13 30.19 -31.26 13.51
CA LEU A 13 30.03 -29.83 13.76
C LEU A 13 28.81 -29.26 13.04
N LEU A 14 28.65 -29.60 11.75
CA LEU A 14 27.51 -29.19 10.92
C LEU A 14 26.14 -29.59 11.49
N HIS A 15 25.95 -30.86 11.89
CA HIS A 15 24.68 -31.34 12.43
C HIS A 15 24.36 -30.70 13.77
N PHE A 16 25.40 -30.49 14.58
CA PHE A 16 25.28 -29.86 15.89
C PHE A 16 24.84 -28.40 15.72
N ILE A 17 25.42 -27.67 14.72
CA ILE A 17 25.05 -26.28 14.41
C ILE A 17 23.60 -26.25 13.88
N MET A 18 23.22 -27.27 13.08
CA MET A 18 21.87 -27.38 12.52
C MET A 18 20.79 -27.55 13.58
N ASP A 19 20.98 -28.48 14.53
CA ASP A 19 20.02 -28.75 15.60
C ASP A 19 19.77 -27.53 16.46
N SER A 20 20.85 -26.81 16.83
CA SER A 20 20.80 -25.59 17.64
C SER A 20 20.08 -24.50 16.89
N TYR A 21 20.35 -24.37 15.57
CA TYR A 21 19.74 -23.37 14.70
C TYR A 21 18.24 -23.62 14.50
N ASN A 22 17.82 -24.89 14.46
CA ASN A 22 16.43 -25.30 14.27
C ASN A 22 15.50 -25.00 15.47
N LYS A 23 16.07 -24.62 16.63
CA LYS A 23 15.31 -24.26 17.83
C LYS A 23 14.54 -22.91 17.70
N GLN A 24 14.75 -22.18 16.60
CA GLN A 24 14.11 -20.90 16.31
C GLN A 24 12.64 -21.09 15.93
N ARG A 25 11.87 -19.98 15.91
CA ARG A 25 10.47 -19.97 15.47
C ARG A 25 10.47 -20.32 13.98
N MET A 26 9.52 -21.16 13.57
CA MET A 26 9.38 -21.61 12.18
C MET A 26 9.06 -20.44 11.25
N PRO A 27 9.65 -20.38 10.03
CA PRO A 27 9.30 -19.29 9.09
C PRO A 27 7.80 -19.15 8.87
N GLN A 28 7.11 -20.29 8.72
CA GLN A 28 5.66 -20.40 8.51
C GLN A 28 4.84 -19.73 9.61
N GLU A 29 5.29 -19.80 10.89
CA GLU A 29 4.63 -19.16 12.04
C GLU A 29 4.57 -17.63 11.84
N ILE A 30 5.70 -17.05 11.36
CA ILE A 30 5.86 -15.62 11.11
C ILE A 30 5.04 -15.17 9.88
N THR A 31 5.22 -15.86 8.72
CA THR A 31 4.55 -15.53 7.46
C THR A 31 3.04 -15.76 7.52
N ASN A 32 2.57 -16.73 8.34
CA ASN A 32 1.14 -16.98 8.51
C ASN A 32 0.48 -15.77 9.12
N LYS A 33 1.08 -15.18 10.18
CA LYS A 33 0.54 -14.02 10.88
C LYS A 33 0.44 -12.79 9.97
N ILE A 34 1.53 -12.47 9.22
CA ILE A 34 1.58 -11.32 8.31
C ILE A 34 0.58 -11.46 7.15
N LEU A 35 0.51 -12.65 6.52
CA LEU A 35 -0.38 -12.90 5.38
C LEU A 35 -1.87 -13.00 5.72
N LYS A 36 -2.22 -13.55 6.91
CA LYS A 36 -3.59 -13.76 7.41
C LYS A 36 -4.48 -12.52 7.27
N GLU A 37 -4.03 -11.39 7.83
CA GLU A 37 -4.76 -10.12 7.79
C GLU A 37 -3.80 -8.94 7.85
N ALA A 38 -4.28 -7.76 7.40
CA ALA A 38 -3.50 -6.53 7.44
C ALA A 38 -3.62 -5.91 8.82
N PHE A 39 -2.52 -5.35 9.33
CA PHE A 39 -2.49 -4.72 10.64
C PHE A 39 -2.11 -3.24 10.51
N SER A 40 -2.44 -2.45 11.54
CA SER A 40 -2.08 -1.04 11.57
C SER A 40 -0.58 -0.94 11.92
N ALA A 41 0.02 0.24 11.77
CA ALA A 41 1.44 0.43 12.09
C ALA A 41 1.72 0.17 13.59
N GLU A 42 0.73 0.48 14.44
CA GLU A 42 0.76 0.29 15.90
C GLU A 42 0.85 -1.21 16.22
N GLU A 43 0.02 -2.04 15.55
CA GLU A 43 -0.02 -3.50 15.74
C GLU A 43 1.26 -4.14 15.19
N ASN A 44 1.75 -3.66 14.03
CA ASN A 44 2.97 -4.16 13.40
C ASN A 44 4.22 -3.84 14.21
N PHE A 45 4.27 -2.67 14.88
CA PHE A 45 5.41 -2.28 15.73
C PHE A 45 5.50 -3.23 16.94
N LEU A 46 4.34 -3.59 17.51
CA LEU A 46 4.16 -4.51 18.64
C LEU A 46 4.56 -5.93 18.24
N ILE A 47 4.17 -6.35 17.00
CA ILE A 47 4.51 -7.67 16.43
C ILE A 47 6.04 -7.74 16.29
N LEU A 48 6.66 -6.67 15.75
CA LEU A 48 8.11 -6.58 15.57
C LEU A 48 8.92 -6.65 16.88
N THR A 49 8.51 -5.90 17.92
CA THR A 49 9.22 -5.89 19.21
C THR A 49 9.15 -7.25 19.89
N GLU A 50 8.01 -7.94 19.79
CA GLU A 50 7.83 -9.27 20.38
C GLU A 50 8.68 -10.29 19.60
N MET A 51 8.64 -10.22 18.24
CA MET A 51 9.44 -11.10 17.37
C MET A 51 10.92 -10.92 17.65
N ALA A 52 11.38 -9.67 17.80
CA ALA A 52 12.77 -9.32 18.08
C ALA A 52 13.21 -9.71 19.50
N THR A 53 12.30 -9.70 20.47
CA THR A 53 12.61 -10.11 21.84
C THR A 53 12.82 -11.61 21.85
N ASN A 54 11.94 -12.35 21.14
CA ASN A 54 12.09 -13.81 21.02
C ASN A 54 13.41 -14.15 20.32
N HIS A 55 13.73 -13.44 19.21
CA HIS A 55 14.95 -13.64 18.44
C HIS A 55 16.21 -13.52 19.29
N VAL A 56 16.32 -12.46 20.12
CA VAL A 56 17.46 -12.22 21.00
C VAL A 56 17.62 -13.38 21.99
N GLN A 57 16.51 -13.81 22.62
CA GLN A 57 16.51 -14.92 23.57
C GLN A 57 17.05 -16.20 22.92
N VAL A 58 16.50 -16.55 21.75
CA VAL A 58 16.88 -17.76 21.00
C VAL A 58 18.35 -17.67 20.52
N LEU A 59 18.77 -16.45 20.10
CA LEU A 59 20.13 -16.18 19.64
C LEU A 59 21.16 -16.38 20.78
N VAL A 60 20.84 -15.98 22.03
CA VAL A 60 21.73 -16.14 23.18
C VAL A 60 21.98 -17.65 23.44
N GLU A 61 20.90 -18.48 23.39
CA GLU A 61 20.95 -19.93 23.55
C GLU A 61 21.74 -20.57 22.41
N PHE A 62 21.57 -20.07 21.15
CA PHE A 62 22.30 -20.58 19.97
C PHE A 62 23.79 -20.27 20.11
N THR A 63 24.11 -19.03 20.50
CA THR A 63 25.46 -18.51 20.72
C THR A 63 26.22 -19.31 21.79
N LYS A 64 25.54 -19.65 22.90
CA LYS A 64 26.11 -20.42 24.01
C LYS A 64 26.56 -21.81 23.59
N LYS A 65 25.86 -22.42 22.61
CA LYS A 65 26.16 -23.76 22.11
C LYS A 65 27.28 -23.77 21.08
N LEU A 66 27.71 -22.57 20.60
CA LEU A 66 28.79 -22.48 19.62
C LEU A 66 30.10 -22.96 20.26
N PRO A 67 30.78 -23.95 19.64
CA PRO A 67 32.03 -24.47 20.23
C PRO A 67 33.07 -23.42 20.61
N GLY A 68 33.51 -23.51 21.86
CA GLY A 68 34.51 -22.62 22.44
C GLY A 68 33.97 -21.32 23.00
N PHE A 69 32.72 -20.93 22.69
CA PHE A 69 32.12 -19.67 23.15
C PHE A 69 32.17 -19.47 24.66
N GLN A 70 31.83 -20.51 25.45
CA GLN A 70 31.82 -20.43 26.91
C GLN A 70 33.22 -20.29 27.52
N THR A 71 34.28 -20.58 26.73
CA THR A 71 35.68 -20.45 27.18
C THR A 71 36.20 -19.02 27.03
N LEU A 72 35.51 -18.19 26.21
CA LEU A 72 35.90 -16.79 25.96
C LEU A 72 35.70 -15.90 27.19
N ASP A 73 36.40 -14.74 27.20
CA ASP A 73 36.28 -13.69 28.22
C ASP A 73 34.82 -13.24 28.24
N HIS A 74 34.23 -13.10 29.46
CA HIS A 74 32.83 -12.71 29.66
C HIS A 74 32.45 -11.37 29.04
N GLU A 75 33.37 -10.40 29.03
CA GLU A 75 33.12 -9.07 28.47
C GLU A 75 33.13 -9.12 26.94
N ASP A 76 33.99 -9.99 26.37
CA ASP A 76 34.09 -10.26 24.93
C ASP A 76 32.85 -11.00 24.46
N GLN A 77 32.32 -11.91 25.32
CA GLN A 77 31.09 -12.66 25.09
C GLN A 77 29.91 -11.68 24.82
N ILE A 78 29.79 -10.61 25.65
CA ILE A 78 28.74 -9.58 25.57
C ILE A 78 28.93 -8.72 24.30
N ALA A 79 30.19 -8.29 24.03
CA ALA A 79 30.53 -7.47 22.86
C ALA A 79 30.15 -8.19 21.56
N LEU A 80 30.37 -9.53 21.50
CA LEU A 80 30.00 -10.37 20.37
C LEU A 80 28.49 -10.42 20.15
N LEU A 81 27.71 -10.58 21.24
CA LEU A 81 26.23 -10.61 21.20
C LEU A 81 25.66 -9.27 20.81
N LYS A 82 26.14 -8.19 21.46
CA LYS A 82 25.74 -6.80 21.16
C LYS A 82 26.09 -6.44 19.69
N GLY A 83 27.24 -6.91 19.21
CA GLY A 83 27.73 -6.64 17.87
C GLY A 83 27.05 -7.39 16.73
N SER A 84 26.44 -8.54 17.01
CA SER A 84 25.83 -9.39 15.97
C SER A 84 24.31 -9.49 15.97
N ALA A 85 23.64 -9.17 17.10
CA ALA A 85 22.21 -9.30 17.32
C ALA A 85 21.33 -8.75 16.19
N VAL A 86 21.53 -7.50 15.77
CA VAL A 86 20.74 -6.87 14.71
C VAL A 86 21.00 -7.55 13.35
N GLU A 87 22.29 -7.82 13.03
CA GLU A 87 22.71 -8.47 11.78
C GLU A 87 22.09 -9.85 11.64
N ALA A 88 22.07 -10.61 12.76
CA ALA A 88 21.49 -11.96 12.83
C ALA A 88 19.97 -11.90 12.63
N MET A 89 19.32 -10.85 13.15
CA MET A 89 17.88 -10.64 12.98
C MET A 89 17.53 -10.38 11.52
N PHE A 90 18.28 -9.51 10.85
CA PHE A 90 18.07 -9.20 9.43
C PHE A 90 18.39 -10.38 8.54
N LEU A 91 19.40 -11.19 8.88
CA LEU A 91 19.77 -12.38 8.10
C LEU A 91 18.66 -13.42 8.19
N ARG A 92 18.08 -13.61 9.40
CA ARG A 92 16.94 -14.50 9.65
C ARG A 92 15.69 -14.03 8.89
N SER A 93 15.44 -12.72 8.85
CA SER A 93 14.31 -12.09 8.13
C SER A 93 14.49 -12.35 6.63
N ALA A 94 15.73 -12.26 6.12
CA ALA A 94 16.11 -12.50 4.72
C ALA A 94 15.85 -13.96 4.33
N GLU A 95 16.12 -14.90 5.24
CA GLU A 95 15.89 -16.33 5.07
C GLU A 95 14.39 -16.58 4.91
N ILE A 96 13.58 -16.12 5.90
CA ILE A 96 12.12 -16.24 5.93
C ILE A 96 11.52 -15.62 4.67
N PHE A 97 12.00 -14.45 4.24
CA PHE A 97 11.53 -13.78 3.03
C PHE A 97 11.70 -14.63 1.77
N ASN A 98 12.84 -15.32 1.64
CA ASN A 98 13.17 -16.10 0.44
C ASN A 98 12.72 -17.57 0.51
N LYS A 99 11.91 -17.93 1.52
CA LYS A 99 11.36 -19.27 1.64
C LYS A 99 10.17 -19.34 0.66
N LYS A 100 10.11 -20.42 -0.14
CA LYS A 100 9.07 -20.64 -1.15
C LYS A 100 7.68 -20.73 -0.51
N LEU A 101 6.73 -19.99 -1.09
CA LEU A 101 5.34 -19.91 -0.67
C LEU A 101 4.42 -20.10 -1.90
N PRO A 102 3.09 -20.39 -1.75
CA PRO A 102 2.23 -20.51 -2.94
C PRO A 102 2.21 -19.25 -3.82
N SER A 103 1.67 -19.38 -5.05
CA SER A 103 1.57 -18.31 -6.04
C SER A 103 0.91 -17.04 -5.46
N GLY A 104 1.58 -15.91 -5.62
CA GLY A 104 1.10 -14.61 -5.15
C GLY A 104 1.36 -14.26 -3.70
N HIS A 105 1.67 -15.27 -2.85
CA HIS A 105 1.95 -15.10 -1.41
C HIS A 105 3.14 -14.20 -1.12
N SER A 106 4.29 -14.44 -1.77
CA SER A 106 5.50 -13.64 -1.57
C SER A 106 5.36 -12.20 -2.08
N ASP A 107 4.40 -11.96 -2.99
CA ASP A 107 4.06 -10.63 -3.48
C ASP A 107 3.26 -9.89 -2.41
N LEU A 108 2.30 -10.60 -1.76
CA LEU A 108 1.48 -10.04 -0.68
C LEU A 108 2.33 -9.79 0.57
N LEU A 109 3.25 -10.72 0.92
CA LEU A 109 4.14 -10.59 2.06
C LEU A 109 5.02 -9.34 1.90
N GLU A 110 5.59 -9.14 0.71
CA GLU A 110 6.41 -7.98 0.38
C GLU A 110 5.59 -6.68 0.53
N ALA A 111 4.33 -6.66 0.02
CA ALA A 111 3.43 -5.49 0.08
C ALA A 111 3.04 -5.19 1.53
N ARG A 112 2.82 -6.25 2.33
CA ARG A 112 2.48 -6.14 3.75
C ARG A 112 3.64 -5.58 4.54
N ILE A 113 4.89 -6.01 4.24
CA ILE A 113 6.10 -5.49 4.89
C ILE A 113 6.31 -4.02 4.49
N ARG A 114 6.17 -3.69 3.20
CA ARG A 114 6.28 -2.33 2.65
C ARG A 114 5.35 -1.33 3.37
N ASN A 115 4.15 -1.79 3.80
CA ASN A 115 3.16 -0.94 4.47
C ASN A 115 3.02 -1.25 5.98
N SER A 116 4.09 -1.82 6.57
CA SER A 116 4.09 -2.21 7.97
C SER A 116 4.08 -1.02 8.94
N GLY A 117 4.75 0.07 8.55
CA GLY A 117 4.89 1.29 9.34
C GLY A 117 6.25 1.95 9.17
N ILE A 118 7.24 1.19 8.69
CA ILE A 118 8.63 1.62 8.42
C ILE A 118 8.65 2.69 7.31
N SER A 119 9.50 3.74 7.46
CA SER A 119 9.58 4.80 6.44
C SER A 119 10.25 4.28 5.17
N ASP A 120 9.77 4.76 4.00
CA ASP A 120 10.21 4.34 2.65
C ASP A 120 11.74 4.33 2.46
N GLU A 121 12.45 5.25 3.15
CA GLU A 121 13.90 5.46 3.19
C GLU A 121 14.69 4.14 3.44
N TYR A 122 14.13 3.26 4.30
CA TYR A 122 14.74 1.99 4.68
C TYR A 122 14.20 0.77 3.95
N ILE A 123 13.05 0.92 3.29
CA ILE A 123 12.38 -0.14 2.55
C ILE A 123 13.22 -0.66 1.37
N THR A 124 13.64 0.24 0.46
CA THR A 124 14.44 -0.10 -0.73
C THR A 124 15.74 -0.86 -0.37
N PRO A 125 16.66 -0.35 0.51
CA PRO A 125 17.87 -1.14 0.82
C PRO A 125 17.59 -2.49 1.50
N MET A 126 16.51 -2.58 2.30
CA MET A 126 16.10 -3.80 3.01
C MET A 126 15.66 -4.87 2.01
N PHE A 127 14.82 -4.50 1.02
CA PHE A 127 14.37 -5.43 0.00
C PHE A 127 15.47 -5.77 -0.99
N SER A 128 16.45 -4.86 -1.18
CA SER A 128 17.60 -5.05 -2.06
C SER A 128 18.46 -6.17 -1.48
N PHE A 129 18.71 -6.11 -0.16
CA PHE A 129 19.49 -7.11 0.57
C PHE A 129 18.79 -8.47 0.57
N TYR A 130 17.47 -8.49 0.84
CA TYR A 130 16.64 -9.70 0.85
C TYR A 130 16.70 -10.40 -0.50
N LYS A 131 16.48 -9.65 -1.59
CA LYS A 131 16.47 -10.18 -2.95
C LYS A 131 17.85 -10.66 -3.42
N SER A 132 18.94 -10.06 -2.91
CA SER A 132 20.33 -10.45 -3.17
C SER A 132 20.66 -11.79 -2.50
N ILE A 133 20.06 -12.03 -1.31
CA ILE A 133 20.18 -13.28 -0.53
C ILE A 133 19.46 -14.41 -1.29
N GLY A 134 18.27 -14.11 -1.81
CA GLY A 134 17.46 -15.05 -2.58
C GLY A 134 18.12 -15.56 -3.84
N GLU A 135 18.86 -14.66 -4.53
CA GLU A 135 19.61 -14.94 -5.76
C GLU A 135 20.72 -15.98 -5.51
N LEU A 136 21.24 -16.03 -4.28
CA LEU A 136 22.28 -16.98 -3.87
C LEU A 136 21.78 -18.42 -3.69
N LYS A 137 20.44 -18.62 -3.53
CA LYS A 137 19.80 -19.94 -3.37
C LYS A 137 20.46 -20.79 -2.27
N MET A 138 20.59 -20.17 -1.10
CA MET A 138 21.23 -20.72 0.11
C MET A 138 20.44 -21.85 0.73
N THR A 139 21.15 -22.89 1.19
CA THR A 139 20.56 -24.04 1.89
C THR A 139 20.43 -23.65 3.36
N GLN A 140 19.66 -24.43 4.15
CA GLN A 140 19.47 -24.21 5.60
C GLN A 140 20.82 -24.24 6.37
N GLU A 141 21.77 -25.05 5.91
CA GLU A 141 23.08 -25.22 6.53
C GLU A 141 23.94 -23.99 6.29
N GLU A 142 23.81 -23.40 5.11
CA GLU A 142 24.52 -22.19 4.73
C GLU A 142 24.08 -21.02 5.60
N TYR A 143 22.74 -20.86 5.83
CA TYR A 143 22.18 -19.82 6.71
C TYR A 143 22.64 -20.01 8.15
N ALA A 144 22.65 -21.27 8.64
CA ALA A 144 23.07 -21.62 10.01
C ALA A 144 24.53 -21.30 10.25
N LEU A 145 25.42 -21.75 9.33
CA LEU A 145 26.86 -21.48 9.41
C LEU A 145 27.18 -19.99 9.28
N LEU A 146 26.50 -19.28 8.35
CA LEU A 146 26.69 -17.84 8.14
C LEU A 146 26.30 -17.04 9.39
N THR A 147 25.21 -17.44 10.08
CA THR A 147 24.76 -16.83 11.35
C THR A 147 25.87 -17.03 12.40
N ALA A 148 26.38 -18.28 12.55
CA ALA A 148 27.49 -18.59 13.48
C ALA A 148 28.73 -17.74 13.21
N ILE A 149 29.09 -17.56 11.91
CA ILE A 149 30.22 -16.76 11.43
C ILE A 149 30.01 -15.27 11.77
N VAL A 150 28.76 -14.75 11.62
CA VAL A 150 28.36 -13.38 11.96
C VAL A 150 28.57 -13.12 13.47
N ILE A 151 28.13 -14.07 14.34
CA ILE A 151 28.27 -13.98 15.80
C ILE A 151 29.75 -14.00 16.21
N LEU A 152 30.53 -14.88 15.59
CA LEU A 152 31.95 -15.03 15.94
C LEU A 152 32.88 -14.18 15.05
N SER A 153 32.48 -12.93 14.79
CA SER A 153 33.29 -11.99 14.02
C SER A 153 34.33 -11.36 14.95
N PRO A 154 35.65 -11.57 14.72
CA PRO A 154 36.65 -10.96 15.61
C PRO A 154 36.85 -9.46 15.38
N ASP A 155 36.49 -8.98 14.17
CA ASP A 155 36.58 -7.57 13.78
C ASP A 155 35.47 -6.70 14.42
N ARG A 156 34.85 -7.22 15.51
CA ARG A 156 33.79 -6.57 16.28
C ARG A 156 34.44 -5.54 17.22
N GLN A 157 33.76 -4.41 17.43
CA GLN A 157 34.24 -3.34 18.31
C GLN A 157 34.20 -3.80 19.78
N TYR A 158 35.22 -3.39 20.57
CA TYR A 158 35.43 -3.64 22.01
C TYR A 158 36.00 -5.03 22.34
N ILE A 159 36.30 -5.85 21.32
CA ILE A 159 36.89 -7.20 21.52
C ILE A 159 38.32 -7.07 22.01
N LYS A 160 38.61 -7.69 23.16
CA LYS A 160 39.93 -7.64 23.81
C LYS A 160 40.91 -8.67 23.25
N ASP A 161 40.45 -9.91 23.05
CA ASP A 161 41.26 -11.01 22.52
C ASP A 161 40.64 -11.44 21.17
N ARG A 162 41.08 -10.78 20.08
CA ARG A 162 40.63 -11.03 18.69
C ARG A 162 41.03 -12.43 18.20
N GLU A 163 42.26 -12.90 18.57
CA GLU A 163 42.78 -14.22 18.18
C GLU A 163 41.95 -15.37 18.74
N ALA A 164 41.43 -15.22 19.98
CA ALA A 164 40.57 -16.21 20.62
C ALA A 164 39.28 -16.42 19.83
N VAL A 165 38.69 -15.32 19.31
CA VAL A 165 37.49 -15.33 18.48
C VAL A 165 37.85 -15.94 17.12
N GLU A 166 38.98 -15.53 16.50
CA GLU A 166 39.48 -16.02 15.21
C GLU A 166 39.55 -17.54 15.21
N LYS A 167 40.17 -18.13 16.25
CA LYS A 167 40.30 -19.56 16.42
C LYS A 167 38.95 -20.26 16.36
N LEU A 168 37.89 -19.61 16.87
CA LEU A 168 36.51 -20.15 16.87
C LEU A 168 35.81 -19.97 15.51
N GLN A 169 36.06 -18.84 14.82
CA GLN A 169 35.42 -18.56 13.53
C GLN A 169 35.96 -19.40 12.35
N GLU A 170 37.31 -19.58 12.28
CA GLU A 170 38.02 -20.32 11.24
C GLU A 170 37.43 -21.71 10.92
N PRO A 171 37.19 -22.64 11.89
CA PRO A 171 36.63 -23.94 11.53
C PRO A 171 35.24 -23.86 10.90
N LEU A 172 34.45 -22.85 11.29
CA LEU A 172 33.11 -22.61 10.73
C LEU A 172 33.20 -22.09 9.29
N LEU A 173 34.18 -21.20 9.00
CA LEU A 173 34.42 -20.69 7.66
C LEU A 173 34.84 -21.82 6.71
N ASP A 174 35.69 -22.74 7.19
CA ASP A 174 36.17 -23.90 6.44
C ASP A 174 35.04 -24.84 6.03
N VAL A 175 34.12 -25.13 6.96
CA VAL A 175 32.94 -25.97 6.71
C VAL A 175 32.04 -25.30 5.65
N LEU A 176 31.79 -23.98 5.77
CA LEU A 176 30.96 -23.25 4.82
C LEU A 176 31.54 -23.31 3.42
N GLN A 177 32.87 -23.10 3.30
CA GLN A 177 33.62 -23.13 2.04
C GLN A 177 33.49 -24.52 1.36
N LYS A 178 33.59 -25.62 2.14
CA LYS A 178 33.40 -26.98 1.63
C LYS A 178 31.97 -27.19 1.13
N LEU A 179 30.96 -26.70 1.88
CA LEU A 179 29.55 -26.80 1.46
C LEU A 179 29.27 -26.00 0.19
N CYS A 180 29.96 -24.86 -0.02
CA CYS A 180 29.78 -23.99 -1.19
C CYS A 180 30.35 -24.61 -2.45
N LYS A 181 31.39 -25.44 -2.30
CA LYS A 181 32.01 -26.16 -3.39
C LYS A 181 31.20 -27.41 -3.75
N ILE A 182 30.47 -27.98 -2.76
CA ILE A 182 29.63 -29.17 -2.91
C ILE A 182 28.25 -28.78 -3.50
N HIS A 183 27.57 -27.80 -2.89
CA HIS A 183 26.24 -27.29 -3.27
C HIS A 183 26.23 -26.61 -4.64
N GLN A 184 27.21 -25.74 -4.93
CA GLN A 184 27.33 -25.01 -6.18
C GLN A 184 28.69 -25.19 -6.84
N PRO A 185 28.99 -26.37 -7.43
CA PRO A 185 30.30 -26.57 -8.09
C PRO A 185 30.46 -25.78 -9.39
N GLU A 186 29.33 -25.40 -10.02
CA GLU A 186 29.32 -24.60 -11.25
C GLU A 186 29.66 -23.12 -10.99
N ASN A 187 29.39 -22.64 -9.75
CA ASN A 187 29.65 -21.28 -9.28
C ASN A 187 30.78 -21.30 -8.23
N PRO A 188 32.06 -21.14 -8.65
CA PRO A 188 33.16 -21.17 -7.68
C PRO A 188 33.29 -19.86 -6.89
N GLN A 189 32.45 -18.87 -7.22
CA GLN A 189 32.43 -17.56 -6.57
C GLN A 189 31.42 -17.50 -5.43
N HIS A 190 30.66 -18.59 -5.22
CA HIS A 190 29.59 -18.68 -4.23
C HIS A 190 30.03 -18.35 -2.81
N PHE A 191 31.15 -18.94 -2.33
CA PHE A 191 31.66 -18.69 -0.98
C PHE A 191 31.97 -17.22 -0.76
N ALA A 192 32.62 -16.58 -1.76
CA ALA A 192 33.01 -15.17 -1.77
C ALA A 192 31.78 -14.28 -1.73
N CYS A 193 30.71 -14.67 -2.47
CA CYS A 193 29.44 -13.95 -2.53
C CYS A 193 28.77 -13.93 -1.16
N LEU A 194 28.77 -15.08 -0.42
CA LEU A 194 28.19 -15.15 0.93
C LEU A 194 28.94 -14.24 1.89
N LEU A 195 30.29 -14.28 1.85
CA LEU A 195 31.15 -13.43 2.68
C LEU A 195 30.94 -11.93 2.38
N GLY A 196 30.64 -11.63 1.11
CA GLY A 196 30.36 -10.28 0.63
C GLY A 196 29.08 -9.71 1.21
N ARG A 197 28.07 -10.59 1.36
CA ARG A 197 26.75 -10.31 1.92
C ARG A 197 26.81 -9.81 3.39
N LEU A 198 27.87 -10.20 4.12
CA LEU A 198 28.11 -9.82 5.50
C LEU A 198 28.46 -8.36 5.66
N THR A 199 29.04 -7.74 4.60
CA THR A 199 29.38 -6.32 4.60
C THR A 199 28.10 -5.52 4.46
N GLU A 200 27.13 -6.02 3.67
CA GLU A 200 25.83 -5.35 3.49
C GLU A 200 25.00 -5.46 4.77
N LEU A 201 25.16 -6.59 5.49
CA LEU A 201 24.48 -6.81 6.76
C LEU A 201 24.83 -5.71 7.75
N ARG A 202 26.12 -5.34 7.84
CA ARG A 202 26.65 -4.33 8.76
C ARG A 202 26.03 -2.92 8.60
N THR A 203 25.57 -2.58 7.37
CA THR A 203 24.95 -1.27 7.11
C THR A 203 23.61 -1.13 7.85
N PHE A 204 22.81 -2.21 7.90
CA PHE A 204 21.52 -2.26 8.61
C PHE A 204 21.67 -2.03 10.11
N ASN A 205 22.82 -2.47 10.66
CA ASN A 205 23.18 -2.32 12.06
C ASN A 205 23.43 -0.83 12.40
N HIS A 206 24.05 -0.09 11.46
CA HIS A 206 24.33 1.34 11.60
C HIS A 206 23.06 2.20 11.63
N HIS A 207 22.02 1.80 10.89
CA HIS A 207 20.75 2.54 10.80
C HIS A 207 19.56 1.93 11.55
N HIS A 208 19.83 0.91 12.40
CA HIS A 208 18.82 0.15 13.15
C HIS A 208 17.92 1.04 14.06
N ALA A 209 18.54 1.89 14.90
CA ALA A 209 17.82 2.77 15.82
C ALA A 209 16.89 3.76 15.10
N GLU A 210 17.35 4.31 13.97
CA GLU A 210 16.59 5.25 13.14
C GLU A 210 15.40 4.56 12.49
N MET A 211 15.58 3.31 12.00
CA MET A 211 14.53 2.48 11.38
C MET A 211 13.35 2.32 12.32
N LEU A 212 13.66 2.04 13.60
CA LEU A 212 12.68 1.86 14.67
C LEU A 212 12.01 3.14 15.10
N MET A 213 12.80 4.24 15.28
CA MET A 213 12.26 5.53 15.71
C MET A 213 11.46 6.25 14.62
N SER A 214 11.69 5.93 13.34
CA SER A 214 10.99 6.54 12.21
C SER A 214 9.68 5.79 11.87
N TRP A 215 9.37 4.73 12.63
CA TRP A 215 8.15 3.94 12.45
C TRP A 215 6.92 4.84 12.67
N ARG A 216 5.87 4.67 11.85
CA ARG A 216 4.66 5.50 11.88
C ARG A 216 3.75 5.25 13.11
N VAL A 217 4.31 5.42 14.32
CA VAL A 217 3.60 5.24 15.60
C VAL A 217 3.82 6.46 16.50
N ASN A 218 2.86 6.71 17.41
CA ASN A 218 2.91 7.84 18.33
C ASN A 218 3.91 7.61 19.46
N ASP A 219 4.03 6.36 19.93
CA ASP A 219 4.94 5.97 21.00
C ASP A 219 5.72 4.72 20.61
N HIS A 220 7.04 4.76 20.81
CA HIS A 220 7.94 3.67 20.49
C HIS A 220 8.38 2.97 21.79
N LYS A 221 7.52 2.05 22.25
CA LYS A 221 7.76 1.28 23.47
C LYS A 221 8.59 0.03 23.17
N PHE A 222 9.68 -0.12 23.95
CA PHE A 222 10.63 -1.22 23.86
C PHE A 222 10.75 -1.97 25.18
N THR A 223 11.00 -3.28 25.08
CA THR A 223 11.16 -4.17 26.25
C THR A 223 12.55 -3.94 26.87
N PRO A 224 12.75 -4.12 28.21
CA PRO A 224 14.10 -3.91 28.79
C PRO A 224 15.25 -4.68 28.13
N LEU A 225 14.96 -5.87 27.56
CA LEU A 225 15.95 -6.70 26.88
C LEU A 225 16.36 -6.05 25.54
N LEU A 226 15.37 -5.55 24.77
CA LEU A 226 15.60 -4.84 23.50
C LEU A 226 16.39 -3.56 23.73
N CYS A 227 16.16 -2.86 24.87
CA CYS A 227 16.90 -1.64 25.22
C CYS A 227 18.40 -1.90 25.42
N GLU A 228 18.78 -3.12 25.84
CA GLU A 228 20.18 -3.51 26.06
C GLU A 228 20.89 -3.84 24.75
N ILE A 229 20.19 -4.50 23.83
CA ILE A 229 20.72 -4.98 22.56
C ILE A 229 20.69 -3.89 21.48
N TRP A 230 19.61 -3.10 21.43
CA TRP A 230 19.40 -1.99 20.50
C TRP A 230 19.76 -0.66 21.17
N ASP A 231 20.19 0.33 20.40
CA ASP A 231 20.56 1.60 21.01
C ASP A 231 19.32 2.54 21.10
N VAL A 232 18.28 2.05 21.84
CA VAL A 232 16.99 2.72 22.02
C VAL A 232 16.65 2.99 23.50
N GLN A 233 15.72 3.96 23.71
CA GLN A 233 15.22 4.49 24.99
C GLN A 233 16.32 4.85 25.98
N HIS B 3 24.30 -3.90 30.70
CA HIS B 3 23.76 -5.07 30.01
C HIS B 3 23.55 -6.22 30.99
N GLN B 4 22.77 -6.00 32.08
CA GLN B 4 22.60 -7.02 33.11
C GLN B 4 21.66 -8.18 32.69
N LEU B 5 20.73 -7.94 31.74
CA LEU B 5 19.84 -9.00 31.24
C LEU B 5 20.59 -9.99 30.35
N LEU B 6 21.47 -9.47 29.47
CA LEU B 6 22.31 -10.24 28.57
C LEU B 6 23.30 -11.07 29.38
N ARG B 7 23.94 -10.44 30.38
CA ARG B 7 24.86 -11.05 31.34
C ARG B 7 24.16 -12.21 32.04
N TYR B 8 22.91 -11.99 32.49
CA TYR B 8 22.10 -13.01 33.13
C TYR B 8 21.83 -14.20 32.21
N LEU B 9 21.37 -13.94 30.97
CA LEU B 9 21.09 -14.97 29.97
C LEU B 9 22.33 -15.79 29.57
N LEU B 10 23.54 -15.20 29.63
CA LEU B 10 24.81 -15.86 29.32
C LEU B 10 25.35 -16.69 30.49
N ASP B 11 25.14 -16.23 31.74
CA ASP B 11 25.66 -16.87 32.96
C ASP B 11 24.74 -17.94 33.58
N LYS B 12 23.47 -18.01 33.13
CA LYS B 12 22.48 -18.97 33.62
C LYS B 12 22.67 -20.37 32.99
N ASP B 13 22.47 -21.43 33.80
CA ASP B 13 22.59 -22.83 33.39
C ASP B 13 21.31 -23.30 32.70
N GLU C 5 1.95 9.25 2.77
CA GLU C 5 1.10 9.88 3.78
C GLU C 5 0.76 11.34 3.38
N LEU C 6 -0.45 11.82 3.71
CA LEU C 6 -0.88 13.18 3.40
C LEU C 6 -0.23 14.20 4.31
N THR C 7 0.05 15.42 3.79
CA THR C 7 0.63 16.52 4.57
C THR C 7 -0.51 17.27 5.29
N PRO C 8 -0.25 18.17 6.28
CA PRO C 8 -1.38 18.89 6.92
C PRO C 8 -2.20 19.70 5.91
N ASP C 9 -1.54 20.28 4.88
CA ASP C 9 -2.15 21.05 3.80
C ASP C 9 -3.04 20.20 2.91
N GLN C 10 -2.64 18.94 2.66
CA GLN C 10 -3.42 18.00 1.84
C GLN C 10 -4.64 17.52 2.61
N GLN C 11 -4.50 17.32 3.94
CA GLN C 11 -5.59 16.90 4.81
C GLN C 11 -6.65 18.01 4.90
N THR C 12 -6.19 19.29 4.93
CA THR C 12 -7.03 20.48 4.92
C THR C 12 -7.79 20.58 3.57
N LEU C 13 -7.07 20.37 2.45
CA LEU C 13 -7.65 20.37 1.10
C LEU C 13 -8.72 19.26 0.97
N LEU C 14 -8.43 18.03 1.45
CA LEU C 14 -9.33 16.89 1.46
C LEU C 14 -10.65 17.16 2.19
N HIS C 15 -10.61 17.68 3.44
CA HIS C 15 -11.85 17.95 4.20
C HIS C 15 -12.67 19.06 3.57
N PHE C 16 -12.01 20.06 2.99
CA PHE C 16 -12.65 21.16 2.30
C PHE C 16 -13.37 20.65 1.04
N ILE C 17 -12.74 19.71 0.27
CA ILE C 17 -13.33 19.09 -0.92
C ILE C 17 -14.52 18.21 -0.48
N MET C 18 -14.38 17.53 0.68
CA MET C 18 -15.44 16.66 1.22
C MET C 18 -16.69 17.41 1.61
N ASP C 19 -16.56 18.52 2.35
CA ASP C 19 -17.69 19.35 2.80
C ASP C 19 -18.47 19.90 1.62
N SER C 20 -17.77 20.40 0.58
CA SER C 20 -18.36 20.94 -0.65
C SER C 20 -19.09 19.84 -1.40
N TYR C 21 -18.47 18.64 -1.48
CA TYR C 21 -19.04 17.46 -2.16
C TYR C 21 -20.29 16.94 -1.45
N ASN C 22 -20.33 17.02 -0.11
CA ASN C 22 -21.45 16.56 0.71
C ASN C 22 -22.72 17.41 0.61
N LYS C 23 -22.66 18.60 -0.04
CA LYS C 23 -23.81 19.48 -0.25
C LYS C 23 -24.83 18.91 -1.27
N GLN C 24 -24.49 17.79 -1.92
CA GLN C 24 -25.34 17.11 -2.91
C GLN C 24 -26.51 16.40 -2.24
N ARG C 25 -27.52 16.02 -3.06
CA ARG C 25 -28.67 15.23 -2.59
C ARG C 25 -28.14 13.88 -2.11
N MET C 26 -28.68 13.40 -0.99
CA MET C 26 -28.27 12.13 -0.39
C MET C 26 -28.60 10.95 -1.31
N PRO C 27 -27.71 9.94 -1.44
CA PRO C 27 -28.04 8.76 -2.28
C PRO C 27 -29.40 8.15 -1.92
N GLN C 28 -29.69 8.04 -0.60
CA GLN C 28 -30.94 7.49 -0.06
C GLN C 28 -32.19 8.22 -0.54
N GLU C 29 -32.13 9.56 -0.73
CA GLU C 29 -33.24 10.38 -1.24
C GLU C 29 -33.63 9.92 -2.65
N ILE C 30 -32.62 9.64 -3.50
CA ILE C 30 -32.78 9.19 -4.88
C ILE C 30 -33.29 7.74 -4.94
N THR C 31 -32.63 6.80 -4.23
CA THR C 31 -32.99 5.38 -4.21
C THR C 31 -34.32 5.12 -3.54
N ASN C 32 -34.74 5.95 -2.56
CA ASN C 32 -36.04 5.80 -1.91
C ASN C 32 -37.16 6.04 -2.92
N LYS C 33 -37.04 7.10 -3.76
CA LYS C 33 -38.04 7.44 -4.77
C LYS C 33 -38.21 6.33 -5.83
N ILE C 34 -37.08 5.82 -6.37
CA ILE C 34 -37.07 4.77 -7.39
C ILE C 34 -37.64 3.44 -6.85
N LEU C 35 -37.22 3.03 -5.64
CA LEU C 35 -37.67 1.78 -5.02
C LEU C 35 -39.13 1.78 -4.51
N LYS C 36 -39.63 2.93 -4.02
CA LYS C 36 -40.99 3.15 -3.49
C LYS C 36 -42.10 2.59 -4.40
N GLU C 37 -42.11 3.03 -5.67
CA GLU C 37 -43.08 2.60 -6.66
C GLU C 37 -42.51 2.68 -8.08
N ALA C 38 -43.12 1.95 -9.01
CA ALA C 38 -42.73 1.94 -10.42
C ALA C 38 -43.39 3.13 -11.12
N PHE C 39 -42.66 3.76 -12.03
CA PHE C 39 -43.18 4.91 -12.79
C PHE C 39 -43.17 4.62 -14.28
N SER C 40 -43.97 5.36 -15.06
CA SER C 40 -44.00 5.22 -16.52
C SER C 40 -42.76 5.90 -17.10
N ALA C 41 -42.47 5.67 -18.40
CA ALA C 41 -41.32 6.28 -19.06
C ALA C 41 -41.42 7.82 -19.14
N GLU C 42 -42.66 8.36 -19.13
CA GLU C 42 -42.98 9.80 -19.11
C GLU C 42 -42.62 10.41 -17.74
N GLU C 43 -42.98 9.72 -16.63
CA GLU C 43 -42.70 10.16 -15.26
C GLU C 43 -41.21 10.07 -14.96
N ASN C 44 -40.55 9.01 -15.46
CA ASN C 44 -39.11 8.80 -15.29
C ASN C 44 -38.26 9.82 -16.05
N PHE C 45 -38.73 10.28 -17.23
CA PHE C 45 -38.01 11.30 -18.01
C PHE C 45 -38.01 12.63 -17.25
N LEU C 46 -39.15 12.95 -16.62
CA LEU C 46 -39.40 14.13 -15.79
C LEU C 46 -38.56 14.08 -14.51
N ILE C 47 -38.46 12.88 -13.89
CA ILE C 47 -37.64 12.64 -12.69
C ILE C 47 -36.16 12.88 -13.06
N LEU C 48 -35.71 12.36 -14.23
CA LEU C 48 -34.35 12.52 -14.72
C LEU C 48 -33.95 13.99 -14.99
N THR C 49 -34.83 14.75 -15.66
CA THR C 49 -34.55 16.16 -15.99
C THR C 49 -34.47 17.03 -14.71
N GLU C 50 -35.32 16.74 -13.71
CA GLU C 50 -35.30 17.46 -12.45
C GLU C 50 -34.03 17.09 -11.66
N MET C 51 -33.68 15.78 -11.61
CA MET C 51 -32.46 15.28 -10.94
C MET C 51 -31.22 15.91 -11.55
N ALA C 52 -31.18 15.97 -12.90
CA ALA C 52 -30.07 16.54 -13.66
C ALA C 52 -29.99 18.06 -13.54
N THR C 53 -31.12 18.76 -13.33
CA THR C 53 -31.12 20.22 -13.15
C THR C 53 -30.53 20.50 -11.78
N ASN C 54 -30.93 19.74 -10.76
CA ASN C 54 -30.40 19.89 -9.42
C ASN C 54 -28.88 19.62 -9.42
N HIS C 55 -28.46 18.53 -10.08
CA HIS C 55 -27.05 18.12 -10.20
C HIS C 55 -26.18 19.23 -10.78
N VAL C 56 -26.60 19.86 -11.89
CA VAL C 56 -25.86 20.96 -12.54
C VAL C 56 -25.69 22.14 -11.57
N GLN C 57 -26.78 22.54 -10.88
CA GLN C 57 -26.75 23.64 -9.90
C GLN C 57 -25.73 23.36 -8.79
N VAL C 58 -25.80 22.16 -8.19
CA VAL C 58 -24.91 21.74 -7.10
C VAL C 58 -23.45 21.61 -7.60
N LEU C 59 -23.27 21.14 -8.84
CA LEU C 59 -21.96 21.00 -9.48
C LEU C 59 -21.29 22.36 -9.71
N VAL C 60 -22.05 23.40 -10.10
CA VAL C 60 -21.52 24.76 -10.31
C VAL C 60 -20.96 25.31 -8.98
N GLU C 61 -21.71 25.13 -7.88
CA GLU C 61 -21.29 25.54 -6.53
C GLU C 61 -20.06 24.77 -6.07
N PHE C 62 -20.00 23.46 -6.37
CA PHE C 62 -18.85 22.60 -6.04
C PHE C 62 -17.61 23.05 -6.80
N THR C 63 -17.76 23.27 -8.12
CA THR C 63 -16.72 23.73 -9.05
C THR C 63 -16.13 25.06 -8.64
N LYS C 64 -16.98 26.02 -8.19
CA LYS C 64 -16.56 27.36 -7.75
C LYS C 64 -15.63 27.30 -6.54
N LYS C 65 -15.85 26.31 -5.65
CA LYS C 65 -15.07 26.15 -4.43
C LYS C 65 -13.75 25.41 -4.67
N LEU C 66 -13.53 24.88 -5.89
CA LEU C 66 -12.27 24.20 -6.24
C LEU C 66 -11.12 25.22 -6.26
N PRO C 67 -10.04 24.97 -5.48
CA PRO C 67 -8.93 25.94 -5.43
C PRO C 67 -8.37 26.38 -6.77
N GLY C 68 -8.32 27.70 -6.96
CA GLY C 68 -7.81 28.33 -8.17
C GLY C 68 -8.82 28.51 -9.29
N PHE C 69 -9.99 27.84 -9.22
CA PHE C 69 -11.01 27.90 -10.27
C PHE C 69 -11.44 29.33 -10.64
N GLN C 70 -11.71 30.17 -9.63
CA GLN C 70 -12.16 31.55 -9.84
C GLN C 70 -11.09 32.45 -10.47
N THR C 71 -9.80 32.01 -10.44
CA THR C 71 -8.69 32.76 -11.05
C THR C 71 -8.56 32.48 -12.55
N LEU C 72 -9.18 31.40 -13.05
CA LEU C 72 -9.13 31.01 -14.46
C LEU C 72 -9.90 31.96 -15.37
N ASP C 73 -9.57 31.95 -16.69
CA ASP C 73 -10.25 32.73 -17.74
C ASP C 73 -11.74 32.34 -17.72
N HIS C 74 -12.62 33.34 -17.85
CA HIS C 74 -14.09 33.17 -17.79
C HIS C 74 -14.67 32.23 -18.85
N GLU C 75 -14.14 32.27 -20.10
CA GLU C 75 -14.60 31.40 -21.18
C GLU C 75 -14.12 29.96 -20.96
N ASP C 76 -12.93 29.81 -20.34
CA ASP C 76 -12.35 28.51 -20.00
C ASP C 76 -13.14 27.88 -18.85
N GLN C 77 -13.66 28.70 -17.93
CA GLN C 77 -14.49 28.25 -16.80
C GLN C 77 -15.77 27.60 -17.32
N ILE C 78 -16.40 28.21 -18.34
CA ILE C 78 -17.64 27.69 -18.95
C ILE C 78 -17.34 26.40 -19.73
N ALA C 79 -16.24 26.37 -20.51
CA ALA C 79 -15.81 25.21 -21.29
C ALA C 79 -15.59 23.98 -20.36
N LEU C 80 -15.00 24.22 -19.16
CA LEU C 80 -14.77 23.18 -18.16
C LEU C 80 -16.08 22.60 -17.63
N LEU C 81 -17.06 23.47 -17.31
CA LEU C 81 -18.39 23.08 -16.82
C LEU C 81 -19.17 22.32 -17.88
N LYS C 82 -19.21 22.88 -19.11
CA LYS C 82 -19.86 22.26 -20.26
C LYS C 82 -19.23 20.89 -20.58
N GLY C 83 -17.92 20.80 -20.45
CA GLY C 83 -17.16 19.58 -20.74
C GLY C 83 -17.26 18.45 -19.74
N SER C 84 -17.57 18.77 -18.48
CA SER C 84 -17.60 17.77 -17.40
C SER C 84 -18.95 17.39 -16.82
N ALA C 85 -19.98 18.25 -17.01
CA ALA C 85 -21.31 18.11 -16.46
C ALA C 85 -21.95 16.72 -16.60
N VAL C 86 -21.98 16.15 -17.81
CA VAL C 86 -22.54 14.83 -18.08
C VAL C 86 -21.70 13.73 -17.40
N GLU C 87 -20.37 13.81 -17.51
CA GLU C 87 -19.45 12.83 -16.92
C GLU C 87 -19.59 12.77 -15.40
N ALA C 88 -19.74 13.96 -14.76
CA ALA C 88 -19.92 14.11 -13.33
C ALA C 88 -21.26 13.52 -12.89
N MET C 89 -22.30 13.65 -13.73
CA MET C 89 -23.63 13.10 -13.48
C MET C 89 -23.59 11.59 -13.47
N PHE C 90 -22.93 10.97 -14.47
CA PHE C 90 -22.78 9.52 -14.57
C PHE C 90 -21.92 8.96 -13.45
N LEU C 91 -20.88 9.69 -13.04
CA LEU C 91 -19.99 9.26 -11.95
C LEU C 91 -20.76 9.25 -10.61
N ARG C 92 -21.60 10.28 -10.38
CA ARG C 92 -22.48 10.40 -9.21
C ARG C 92 -23.51 9.28 -9.17
N SER C 93 -24.10 8.95 -10.35
CA SER C 93 -25.07 7.87 -10.52
C SER C 93 -24.43 6.53 -10.16
N ALA C 94 -23.15 6.33 -10.60
CA ALA C 94 -22.34 5.15 -10.33
C ALA C 94 -22.08 4.96 -8.84
N GLU C 95 -21.83 6.07 -8.14
CA GLU C 95 -21.59 6.10 -6.70
C GLU C 95 -22.86 5.62 -5.96
N ILE C 96 -24.02 6.26 -6.26
CA ILE C 96 -25.34 5.96 -5.70
C ILE C 96 -25.69 4.50 -5.96
N PHE C 97 -25.44 4.01 -7.17
CA PHE C 97 -25.71 2.62 -7.53
C PHE C 97 -24.95 1.60 -6.65
N ASN C 98 -23.67 1.89 -6.34
CA ASN C 98 -22.80 0.99 -5.58
C ASN C 98 -22.83 1.20 -4.07
N LYS C 99 -23.77 2.01 -3.58
CA LYS C 99 -23.98 2.21 -2.15
C LYS C 99 -24.77 0.99 -1.63
N LYS C 100 -24.31 0.39 -0.53
CA LYS C 100 -24.94 -0.79 0.08
C LYS C 100 -26.36 -0.52 0.53
N LEU C 101 -27.29 -1.43 0.17
CA LEU C 101 -28.72 -1.37 0.48
C LEU C 101 -29.16 -2.73 1.06
N PRO C 102 -30.35 -2.85 1.73
CA PRO C 102 -30.78 -4.17 2.23
C PRO C 102 -30.89 -5.24 1.13
N SER C 103 -31.02 -6.51 1.54
CA SER C 103 -31.12 -7.67 0.63
C SER C 103 -32.24 -7.49 -0.40
N GLY C 104 -31.91 -7.69 -1.67
CA GLY C 104 -32.84 -7.58 -2.79
C GLY C 104 -33.10 -6.19 -3.34
N HIS C 105 -32.79 -5.12 -2.57
CA HIS C 105 -32.98 -3.72 -2.94
C HIS C 105 -32.21 -3.30 -4.20
N SER C 106 -30.90 -3.61 -4.25
CA SER C 106 -30.05 -3.26 -5.41
C SER C 106 -30.43 -4.02 -6.68
N ASP C 107 -31.11 -5.19 -6.52
CA ASP C 107 -31.64 -5.98 -7.63
C ASP C 107 -32.88 -5.28 -8.20
N LEU C 108 -33.75 -4.77 -7.31
CA LEU C 108 -34.96 -4.04 -7.69
C LEU C 108 -34.61 -2.70 -8.31
N LEU C 109 -33.63 -1.97 -7.73
CA LEU C 109 -33.16 -0.68 -8.23
C LEU C 109 -32.64 -0.84 -9.67
N GLU C 110 -31.81 -1.86 -9.91
CA GLU C 110 -31.26 -2.17 -11.22
C GLU C 110 -32.40 -2.46 -12.23
N ALA C 111 -33.42 -3.27 -11.83
CA ALA C 111 -34.56 -3.63 -12.67
C ALA C 111 -35.43 -2.41 -13.00
N ARG C 112 -35.60 -1.52 -12.01
CA ARG C 112 -36.35 -0.27 -12.14
C ARG C 112 -35.64 0.68 -13.09
N ILE C 113 -34.30 0.79 -13.01
CA ILE C 113 -33.50 1.63 -13.93
C ILE C 113 -33.57 1.05 -15.36
N ARG C 114 -33.45 -0.29 -15.50
CA ARG C 114 -33.55 -0.99 -16.80
C ARG C 114 -34.87 -0.70 -17.52
N ASN C 115 -35.96 -0.50 -16.76
CA ASN C 115 -37.27 -0.21 -17.33
C ASN C 115 -37.70 1.28 -17.19
N SER C 116 -36.74 2.22 -17.08
CA SER C 116 -36.98 3.66 -16.95
C SER C 116 -37.48 4.37 -18.23
N GLY C 117 -37.16 3.82 -19.38
CA GLY C 117 -37.57 4.39 -20.66
C GLY C 117 -36.44 4.50 -21.65
N ILE C 118 -35.21 4.43 -21.13
CA ILE C 118 -33.97 4.43 -21.89
C ILE C 118 -33.92 3.16 -22.76
N SER C 119 -33.47 3.30 -24.04
CA SER C 119 -33.39 2.15 -24.93
C SER C 119 -32.29 1.18 -24.48
N ASP C 120 -32.54 -0.14 -24.65
CA ASP C 120 -31.66 -1.24 -24.23
C ASP C 120 -30.19 -1.08 -24.66
N GLU C 121 -29.97 -0.46 -25.83
CA GLU C 121 -28.69 -0.12 -26.48
C GLU C 121 -27.69 0.57 -25.51
N TYR C 122 -28.21 1.43 -24.61
CA TYR C 122 -27.41 2.19 -23.65
C TYR C 122 -27.38 1.60 -22.24
N ILE C 123 -28.31 0.67 -21.95
CA ILE C 123 -28.45 0.02 -20.64
C ILE C 123 -27.21 -0.84 -20.28
N THR C 124 -26.82 -1.78 -21.16
CA THR C 124 -25.68 -2.69 -20.94
C THR C 124 -24.37 -1.91 -20.68
N PRO C 125 -23.89 -0.95 -21.53
CA PRO C 125 -22.64 -0.23 -21.20
C PRO C 125 -22.70 0.61 -19.91
N MET C 126 -23.90 1.14 -19.58
CA MET C 126 -24.15 1.94 -18.38
C MET C 126 -23.99 1.08 -17.12
N PHE C 127 -24.59 -0.12 -17.11
CA PHE C 127 -24.47 -1.05 -15.98
C PHE C 127 -23.09 -1.68 -15.89
N SER C 128 -22.41 -1.80 -17.04
CA SER C 128 -21.04 -2.33 -17.12
C SER C 128 -20.09 -1.37 -16.40
N PHE C 129 -20.21 -0.06 -16.67
CA PHE C 129 -19.41 0.95 -16.00
C PHE C 129 -19.73 1.00 -14.51
N TYR C 130 -21.03 1.03 -14.14
CA TYR C 130 -21.47 1.08 -12.75
C TYR C 130 -20.85 -0.06 -11.95
N LYS C 131 -20.95 -1.31 -12.49
CA LYS C 131 -20.42 -2.50 -11.84
C LYS C 131 -18.87 -2.50 -11.77
N SER C 132 -18.18 -1.86 -12.75
CA SER C 132 -16.72 -1.70 -12.79
C SER C 132 -16.26 -0.71 -11.72
N ILE C 133 -17.09 0.33 -11.45
CA ILE C 133 -16.85 1.34 -10.42
C ILE C 133 -16.95 0.67 -9.03
N GLY C 134 -17.97 -0.18 -8.85
CA GLY C 134 -18.22 -0.93 -7.61
C GLY C 134 -17.11 -1.87 -7.22
N GLU C 135 -16.49 -2.53 -8.23
CA GLU C 135 -15.37 -3.46 -8.08
C GLU C 135 -14.14 -2.77 -7.48
N LEU C 136 -13.99 -1.45 -7.75
CA LEU C 136 -12.91 -0.63 -7.22
C LEU C 136 -13.00 -0.33 -5.72
N LYS C 137 -14.20 -0.50 -5.11
CA LYS C 137 -14.47 -0.27 -3.68
C LYS C 137 -13.97 1.12 -3.20
N MET C 138 -14.36 2.15 -3.96
CA MET C 138 -14.01 3.55 -3.75
C MET C 138 -14.64 4.13 -2.50
N THR C 139 -13.87 4.93 -1.75
CA THR C 139 -14.32 5.64 -0.55
C THR C 139 -14.99 6.93 -1.03
N GLN C 140 -15.72 7.64 -0.14
CA GLN C 140 -16.38 8.90 -0.49
C GLN C 140 -15.37 9.97 -0.94
N GLU C 141 -14.18 10.00 -0.29
CA GLU C 141 -13.11 10.95 -0.63
C GLU C 141 -12.53 10.70 -2.04
N GLU C 142 -12.48 9.43 -2.47
CA GLU C 142 -12.03 9.02 -3.81
C GLU C 142 -13.00 9.50 -4.88
N TYR C 143 -14.33 9.37 -4.63
CA TYR C 143 -15.38 9.86 -5.54
C TYR C 143 -15.33 11.38 -5.64
N ALA C 144 -15.12 12.08 -4.49
CA ALA C 144 -15.05 13.55 -4.42
C ALA C 144 -13.86 14.08 -5.22
N LEU C 145 -12.66 13.53 -4.98
CA LEU C 145 -11.45 13.90 -5.69
C LEU C 145 -11.50 13.58 -7.20
N LEU C 146 -12.06 12.40 -7.56
CA LEU C 146 -12.20 11.99 -8.95
C LEU C 146 -13.14 12.94 -9.73
N THR C 147 -14.24 13.39 -9.07
CA THR C 147 -15.19 14.37 -9.63
C THR C 147 -14.42 15.69 -9.89
N ALA C 148 -13.64 16.18 -8.88
CA ALA C 148 -12.80 17.39 -9.01
C ALA C 148 -11.81 17.29 -10.17
N ILE C 149 -11.18 16.11 -10.34
CA ILE C 149 -10.22 15.78 -11.40
C ILE C 149 -10.91 15.79 -12.79
N VAL C 150 -12.14 15.25 -12.87
CA VAL C 150 -12.99 15.25 -14.07
C VAL C 150 -13.31 16.70 -14.52
N ILE C 151 -13.72 17.57 -13.57
CA ILE C 151 -14.03 18.99 -13.82
C ILE C 151 -12.79 19.76 -14.30
N LEU C 152 -11.64 19.51 -13.65
CA LEU C 152 -10.41 20.20 -13.98
C LEU C 152 -9.53 19.45 -15.00
N SER C 153 -10.15 18.91 -16.05
CA SER C 153 -9.45 18.21 -17.13
C SER C 153 -8.94 19.22 -18.15
N PRO C 154 -7.60 19.28 -18.38
CA PRO C 154 -7.05 20.28 -19.33
C PRO C 154 -7.31 19.99 -20.80
N ASP C 155 -7.53 18.71 -21.11
CA ASP C 155 -7.73 18.18 -22.46
C ASP C 155 -9.13 18.36 -22.98
N ARG C 156 -9.90 19.22 -22.32
CA ARG C 156 -11.27 19.60 -22.63
C ARG C 156 -11.28 20.48 -23.89
N GLN C 157 -12.31 20.33 -24.75
CA GLN C 157 -12.45 21.11 -25.97
C GLN C 157 -12.72 22.58 -25.66
N TYR C 158 -12.13 23.51 -26.46
CA TYR C 158 -12.24 24.98 -26.42
C TYR C 158 -11.39 25.65 -25.34
N ILE C 159 -10.60 24.88 -24.56
CA ILE C 159 -9.72 25.43 -23.51
C ILE C 159 -8.58 26.23 -24.15
N LYS C 160 -8.45 27.50 -23.75
CA LYS C 160 -7.44 28.43 -24.28
C LYS C 160 -6.08 28.31 -23.59
N ASP C 161 -6.08 28.19 -22.25
CA ASP C 161 -4.87 28.05 -21.44
C ASP C 161 -4.95 26.69 -20.73
N ARG C 162 -4.41 25.66 -21.39
CA ARG C 162 -4.36 24.27 -20.97
C ARG C 162 -3.55 24.09 -19.69
N GLU C 163 -2.38 24.75 -19.63
CA GLU C 163 -1.42 24.72 -18.52
C GLU C 163 -2.00 25.25 -17.22
N ALA C 164 -2.83 26.32 -17.30
CA ALA C 164 -3.50 26.92 -16.14
C ALA C 164 -4.42 25.90 -15.47
N VAL C 165 -5.13 25.08 -16.30
CA VAL C 165 -6.05 24.01 -15.84
C VAL C 165 -5.21 22.89 -15.25
N GLU C 166 -4.13 22.50 -15.95
CA GLU C 166 -3.20 21.47 -15.49
C GLU C 166 -2.67 21.74 -14.06
N LYS C 167 -2.19 22.98 -13.81
CA LYS C 167 -1.68 23.44 -12.50
C LYS C 167 -2.70 23.26 -11.37
N LEU C 168 -4.00 23.37 -11.71
CA LEU C 168 -5.10 23.19 -10.77
C LEU C 168 -5.43 21.72 -10.51
N GLN C 169 -5.28 20.87 -11.54
CA GLN C 169 -5.58 19.43 -11.45
C GLN C 169 -4.50 18.62 -10.71
N GLU C 170 -3.19 18.92 -10.95
CA GLU C 170 -2.03 18.24 -10.32
C GLU C 170 -2.13 18.06 -8.80
N PRO C 171 -2.38 19.10 -7.95
CA PRO C 171 -2.45 18.85 -6.49
C PRO C 171 -3.57 17.89 -6.09
N LEU C 172 -4.68 17.88 -6.86
CA LEU C 172 -5.81 16.97 -6.63
C LEU C 172 -5.45 15.52 -7.01
N LEU C 173 -4.70 15.35 -8.12
CA LEU C 173 -4.21 14.02 -8.55
C LEU C 173 -3.27 13.43 -7.51
N ASP C 174 -2.38 14.27 -6.92
CA ASP C 174 -1.43 13.88 -5.89
C ASP C 174 -2.12 13.36 -4.64
N VAL C 175 -3.19 14.06 -4.18
CA VAL C 175 -3.98 13.68 -3.00
C VAL C 175 -4.68 12.33 -3.28
N LEU C 176 -5.28 12.16 -4.47
CA LEU C 176 -5.95 10.91 -4.83
C LEU C 176 -5.00 9.73 -4.83
N GLN C 177 -3.81 9.90 -5.42
CA GLN C 177 -2.75 8.90 -5.49
C GLN C 177 -2.33 8.46 -4.07
N LYS C 178 -2.18 9.42 -3.13
CA LYS C 178 -1.85 9.11 -1.72
C LYS C 178 -2.97 8.32 -1.05
N LEU C 179 -4.24 8.69 -1.28
CA LEU C 179 -5.39 7.96 -0.74
C LEU C 179 -5.50 6.55 -1.30
N CYS C 180 -5.16 6.36 -2.60
CA CYS C 180 -5.18 5.04 -3.25
C CYS C 180 -4.18 4.09 -2.62
N LYS C 181 -2.99 4.62 -2.26
CA LYS C 181 -1.91 3.85 -1.64
C LYS C 181 -2.23 3.52 -0.18
N ILE C 182 -3.04 4.37 0.48
CA ILE C 182 -3.48 4.21 1.88
C ILE C 182 -4.67 3.23 1.98
N HIS C 183 -5.75 3.46 1.19
CA HIS C 183 -6.95 2.62 1.24
C HIS C 183 -6.80 1.27 0.54
N GLN C 184 -5.92 1.18 -0.47
CA GLN C 184 -5.66 -0.06 -1.22
C GLN C 184 -4.15 -0.35 -1.36
N PRO C 185 -3.44 -0.70 -0.25
CA PRO C 185 -1.99 -0.97 -0.35
C PRO C 185 -1.64 -2.30 -1.03
N GLU C 186 -2.58 -3.27 -1.01
CA GLU C 186 -2.42 -4.59 -1.63
C GLU C 186 -2.54 -4.50 -3.17
N ASN C 187 -3.31 -3.50 -3.66
CA ASN C 187 -3.54 -3.24 -5.09
C ASN C 187 -2.79 -1.95 -5.52
N PRO C 188 -1.54 -2.07 -6.01
CA PRO C 188 -0.79 -0.85 -6.41
C PRO C 188 -1.24 -0.29 -7.77
N GLN C 189 -2.18 -0.98 -8.43
CA GLN C 189 -2.73 -0.59 -9.72
C GLN C 189 -4.01 0.23 -9.57
N HIS C 190 -4.47 0.41 -8.32
CA HIS C 190 -5.71 1.12 -7.99
C HIS C 190 -5.80 2.53 -8.57
N PHE C 191 -4.75 3.36 -8.39
CA PHE C 191 -4.75 4.73 -8.90
C PHE C 191 -4.92 4.78 -10.43
N ALA C 192 -4.20 3.88 -11.13
CA ALA C 192 -4.24 3.72 -12.58
C ALA C 192 -5.64 3.30 -13.05
N CYS C 193 -6.30 2.40 -12.28
CA CYS C 193 -7.65 1.91 -12.55
C CYS C 193 -8.65 3.04 -12.48
N LEU C 194 -8.55 3.94 -11.46
CA LEU C 194 -9.43 5.11 -11.33
C LEU C 194 -9.28 6.05 -12.53
N LEU C 195 -8.03 6.35 -12.90
CA LEU C 195 -7.72 7.20 -14.05
C LEU C 195 -8.23 6.60 -15.37
N GLY C 196 -8.22 5.25 -15.46
CA GLY C 196 -8.74 4.49 -16.59
C GLY C 196 -10.23 4.62 -16.75
N ARG C 197 -10.96 4.70 -15.61
CA ARG C 197 -12.42 4.88 -15.51
C ARG C 197 -12.90 6.20 -16.16
N LEU C 198 -12.02 7.21 -16.22
CA LEU C 198 -12.26 8.52 -16.81
C LEU C 198 -12.37 8.48 -18.35
N THR C 199 -11.72 7.49 -18.97
CA THR C 199 -11.81 7.30 -20.42
C THR C 199 -13.18 6.70 -20.75
N GLU C 200 -13.70 5.81 -19.86
CA GLU C 200 -15.02 5.21 -20.05
C GLU C 200 -16.12 6.23 -19.82
N LEU C 201 -15.92 7.20 -18.89
CA LEU C 201 -16.87 8.27 -18.61
C LEU C 201 -17.09 9.15 -19.83
N ARG C 202 -16.02 9.39 -20.60
CA ARG C 202 -16.07 10.22 -21.81
C ARG C 202 -16.96 9.65 -22.91
N THR C 203 -17.12 8.31 -22.98
CA THR C 203 -17.96 7.65 -24.00
C THR C 203 -19.42 7.99 -23.77
N PHE C 204 -19.89 8.00 -22.51
CA PHE C 204 -21.26 8.37 -22.14
C PHE C 204 -21.63 9.79 -22.54
N ASN C 205 -20.64 10.70 -22.51
CA ASN C 205 -20.79 12.10 -22.90
C ASN C 205 -21.03 12.21 -24.41
N HIS C 206 -20.36 11.37 -25.21
CA HIS C 206 -20.47 11.33 -26.68
C HIS C 206 -21.85 10.85 -27.13
N HIS C 207 -22.47 9.94 -26.38
CA HIS C 207 -23.78 9.38 -26.71
C HIS C 207 -24.93 9.88 -25.85
N HIS C 208 -24.69 10.92 -25.04
CA HIS C 208 -25.68 11.45 -24.12
C HIS C 208 -26.95 12.00 -24.80
N ALA C 209 -26.79 12.85 -25.84
CA ALA C 209 -27.92 13.42 -26.57
C ALA C 209 -28.82 12.33 -27.16
N GLU C 210 -28.21 11.25 -27.71
CA GLU C 210 -28.94 10.10 -28.27
C GLU C 210 -29.68 9.32 -27.18
N MET C 211 -29.04 9.12 -26.00
CA MET C 211 -29.63 8.43 -24.83
C MET C 211 -30.94 9.11 -24.44
N LEU C 212 -30.93 10.45 -24.40
CA LEU C 212 -32.07 11.29 -24.04
C LEU C 212 -33.13 11.30 -25.11
N MET C 213 -32.74 11.45 -26.39
CA MET C 213 -33.71 11.49 -27.50
C MET C 213 -34.35 10.14 -27.83
N SER C 214 -33.68 9.01 -27.47
CA SER C 214 -34.19 7.66 -27.72
C SER C 214 -35.09 7.17 -26.57
N TRP C 215 -35.31 8.03 -25.54
CA TRP C 215 -36.18 7.73 -24.40
C TRP C 215 -37.60 7.50 -24.92
N ARG C 216 -38.27 6.47 -24.40
CA ARG C 216 -39.62 6.13 -24.81
C ARG C 216 -40.67 7.15 -24.31
N VAL C 217 -40.62 8.38 -24.86
CA VAL C 217 -41.55 9.48 -24.61
C VAL C 217 -41.92 10.20 -25.92
N ASN C 218 -43.13 10.79 -25.96
CA ASN C 218 -43.62 11.50 -27.14
C ASN C 218 -42.94 12.85 -27.33
N ASP C 219 -42.66 13.54 -26.20
CA ASP C 219 -42.00 14.84 -26.22
C ASP C 219 -40.85 14.87 -25.21
N HIS C 220 -39.70 15.38 -25.66
CA HIS C 220 -38.48 15.47 -24.87
C HIS C 220 -38.26 16.91 -24.44
N LYS C 221 -38.97 17.31 -23.36
CA LYS C 221 -38.91 18.65 -22.80
C LYS C 221 -37.75 18.79 -21.81
N PHE C 222 -36.95 19.83 -22.03
CA PHE C 222 -35.78 20.18 -21.24
C PHE C 222 -35.89 21.59 -20.64
N THR C 223 -35.32 21.78 -19.45
CA THR C 223 -35.30 23.07 -18.73
C THR C 223 -34.28 24.01 -19.41
N PRO C 224 -34.43 25.36 -19.38
CA PRO C 224 -33.43 26.24 -20.02
C PRO C 224 -31.98 26.04 -19.57
N LEU C 225 -31.76 25.61 -18.31
CA LEU C 225 -30.43 25.33 -17.77
C LEU C 225 -29.84 24.07 -18.40
N LEU C 226 -30.66 23.00 -18.54
CA LEU C 226 -30.25 21.75 -19.18
C LEU C 226 -29.93 21.97 -20.67
N CYS C 227 -30.65 22.90 -21.34
CA CYS C 227 -30.40 23.22 -22.75
C CYS C 227 -29.01 23.83 -22.97
N GLU C 228 -28.47 24.54 -21.96
CA GLU C 228 -27.14 25.16 -22.01
C GLU C 228 -26.02 24.14 -21.81
N ILE C 229 -26.23 23.18 -20.89
CA ILE C 229 -25.26 22.16 -20.51
C ILE C 229 -25.28 20.94 -21.46
N TRP C 230 -26.46 20.51 -21.88
CA TRP C 230 -26.66 19.39 -22.78
C TRP C 230 -26.88 19.88 -24.21
N ASP C 231 -26.52 19.06 -25.19
CA ASP C 231 -26.70 19.44 -26.60
C ASP C 231 -28.11 19.02 -27.07
N VAL C 232 -29.13 19.69 -26.49
CA VAL C 232 -30.56 19.50 -26.75
C VAL C 232 -31.27 20.82 -27.09
N HIS D 3 -24.90 31.31 -23.00
CA HIS D 3 -24.75 30.65 -21.70
C HIS D 3 -24.83 31.64 -20.53
N GLN D 4 -25.92 32.46 -20.51
CA GLN D 4 -26.07 33.47 -19.45
C GLN D 4 -26.49 32.88 -18.09
N LEU D 5 -27.11 31.69 -18.07
CA LEU D 5 -27.49 31.03 -16.81
C LEU D 5 -26.27 30.47 -16.08
N LEU D 6 -25.35 29.85 -16.84
CA LEU D 6 -24.10 29.29 -16.35
C LEU D 6 -23.19 30.40 -15.84
N ARG D 7 -23.09 31.50 -16.62
CA ARG D 7 -22.37 32.72 -16.29
C ARG D 7 -22.90 33.29 -14.97
N TYR D 8 -24.24 33.34 -14.81
CA TYR D 8 -24.91 33.80 -13.60
C TYR D 8 -24.54 32.95 -12.40
N LEU D 9 -24.67 31.61 -12.53
CA LEU D 9 -24.34 30.66 -11.46
C LEU D 9 -22.86 30.72 -11.02
N LEU D 10 -21.94 31.06 -11.93
CA LEU D 10 -20.51 31.19 -11.65
C LEU D 10 -20.13 32.52 -11.00
N ASP D 11 -20.83 33.63 -11.39
CA ASP D 11 -20.53 34.98 -10.93
C ASP D 11 -21.26 35.41 -9.62
N LYS D 12 -22.32 34.71 -9.18
CA LYS D 12 -23.01 35.09 -7.93
C LYS D 12 -22.29 34.54 -6.69
#